data_9HFF
#
_entry.id   9HFF
#
_cell.length_a   86.464
_cell.length_b   86.464
_cell.length_c   91.793
_cell.angle_alpha   90.00
_cell.angle_beta   90.00
_cell.angle_gamma   120.00
#
_symmetry.space_group_name_H-M   'P 31 2 1'
#
loop_
_entity.id
_entity.type
_entity.pdbx_description
1 polymer 'Telomeric repeat-binding factor 1'
2 non-polymer GLYCEROL
3 non-polymer (2~{S})-2-[(5-chloranylpyrimidin-2-yl)-methyl-amino]propan-1-ol
4 non-polymer 'DIMETHYL SULFOXIDE'
5 water water
#
_entity_poly.entity_id   1
_entity_poly.type   'polypeptide(L)'
_entity_poly.pdbx_seq_one_letter_code
;SNAQVQVGAPEEEEEEEEDAGLVAEAEAVAAGWMLDFLCLSLCRAFRDGRSEDFRRTRNSAEAIIHGLSSLTACQLRTIY
ICQFLTRIAAGKTLDAQFENDERITPLESALMIWGSIEKEHDKLHEEIQNLIKIQAIAVCMENGNFKEAEEVFERIFGDP
NSHMPFKSKLLMIISQKDTFHSFFQHFSYNHMMEKIKSYVNYVLSEKSSTFLMKAAAKVVESKR
;
_entity_poly.pdbx_strand_id   A
#
loop_
_chem_comp.id
_chem_comp.type
_chem_comp.name
_chem_comp.formula
A1IUE non-polymer (2~{S})-2-[(5-chloranylpyrimidin-2-yl)-methyl-amino]propan-1-ol 'C8 H12 Cl N3 O'
DMS non-polymer 'DIMETHYL SULFOXIDE' 'C2 H6 O S'
GOL non-polymer GLYCEROL 'C3 H8 O3'
#
# COMPACT_ATOMS: atom_id res chain seq x y z
N GLU A 18 -9.26 40.66 -7.48
CA GLU A 18 -9.02 39.25 -7.15
C GLU A 18 -8.10 39.16 -5.93
N ASP A 19 -8.55 38.47 -4.88
CA ASP A 19 -7.74 38.30 -3.67
C ASP A 19 -6.94 37.01 -3.87
N ALA A 20 -5.61 37.12 -3.98
CA ALA A 20 -4.73 35.98 -4.21
C ALA A 20 -4.74 34.98 -3.05
N GLY A 21 -4.90 35.48 -1.82
CA GLY A 21 -4.97 34.64 -0.63
C GLY A 21 -6.19 33.73 -0.65
N LEU A 22 -7.34 34.28 -1.06
CA LEU A 22 -8.59 33.51 -1.16
C LEU A 22 -8.56 32.52 -2.33
N VAL A 23 -7.85 32.85 -3.43
CA VAL A 23 -7.72 31.95 -4.57
C VAL A 23 -6.88 30.75 -4.15
N ALA A 24 -5.74 31.00 -3.47
CA ALA A 24 -4.85 29.97 -2.94
C ALA A 24 -5.59 29.06 -1.96
N GLU A 25 -6.47 29.65 -1.12
CA GLU A 25 -7.30 28.91 -0.16
C GLU A 25 -8.29 27.98 -0.88
N ALA A 26 -8.92 28.46 -1.97
CA ALA A 26 -9.87 27.67 -2.77
C ALA A 26 -9.16 26.53 -3.49
N GLU A 27 -7.92 26.77 -3.95
CA GLU A 27 -7.10 25.74 -4.58
C GLU A 27 -6.70 24.65 -3.57
N ALA A 28 -6.51 25.01 -2.30
CA ALA A 28 -6.18 24.05 -1.24
C ALA A 28 -7.42 23.18 -0.89
N VAL A 29 -8.64 23.79 -0.84
CA VAL A 29 -9.88 23.07 -0.58
C VAL A 29 -10.10 22.01 -1.71
N ALA A 30 -9.90 22.44 -2.97
CA ALA A 30 -10.08 21.59 -4.14
C ALA A 30 -9.05 20.48 -4.24
N ALA A 31 -7.80 20.72 -3.81
CA ALA A 31 -6.75 19.69 -3.76
C ALA A 31 -7.11 18.63 -2.71
N GLY A 32 -7.72 19.04 -1.60
CA GLY A 32 -8.16 18.13 -0.56
C GLY A 32 -9.25 17.20 -1.09
N TRP A 33 -10.15 17.74 -1.94
CA TRP A 33 -11.24 16.98 -2.58
C TRP A 33 -10.69 15.99 -3.61
N MET A 34 -9.73 16.45 -4.41
CA MET A 34 -9.07 15.63 -5.42
C MET A 34 -8.30 14.47 -4.79
N LEU A 35 -7.61 14.70 -3.66
CA LEU A 35 -6.87 13.69 -2.92
C LEU A 35 -7.78 12.55 -2.42
N ASP A 36 -8.92 12.90 -1.81
CA ASP A 36 -9.86 11.89 -1.32
C ASP A 36 -10.42 11.06 -2.48
N PHE A 37 -10.77 11.72 -3.60
CA PHE A 37 -11.31 11.06 -4.78
C PHE A 37 -10.27 10.10 -5.39
N LEU A 38 -9.02 10.56 -5.57
CA LEU A 38 -7.95 9.74 -6.12
C LEU A 38 -7.57 8.57 -5.18
N CYS A 39 -7.66 8.75 -3.85
CA CYS A 39 -7.41 7.64 -2.90
C CYS A 39 -8.48 6.55 -3.12
N LEU A 40 -9.74 6.98 -3.24
CA LEU A 40 -10.88 6.12 -3.49
C LEU A 40 -10.68 5.33 -4.79
N SER A 41 -10.25 6.02 -5.85
CA SER A 41 -10.02 5.43 -7.17
C SER A 41 -8.88 4.40 -7.13
N LEU A 42 -7.81 4.73 -6.38
CA LEU A 42 -6.64 3.88 -6.18
C LEU A 42 -7.00 2.60 -5.44
N CYS A 43 -7.84 2.71 -4.38
CA CYS A 43 -8.35 1.61 -3.55
C CYS A 43 -9.15 0.61 -4.40
N ARG A 44 -10.06 1.12 -5.24
CA ARG A 44 -10.87 0.27 -6.10
C ARG A 44 -10.03 -0.43 -7.14
N ALA A 45 -9.04 0.27 -7.74
CA ALA A 45 -8.16 -0.32 -8.77
C ALA A 45 -7.28 -1.43 -8.18
N PHE A 46 -6.81 -1.26 -6.93
CA PHE A 46 -6.03 -2.26 -6.18
C PHE A 46 -6.93 -3.48 -5.88
N ARG A 47 -8.15 -3.23 -5.39
CA ARG A 47 -9.10 -4.32 -5.10
C ARG A 47 -9.45 -5.09 -6.38
N ASP A 48 -9.65 -4.39 -7.50
CA ASP A 48 -10.06 -5.01 -8.77
C ASP A 48 -8.93 -5.62 -9.60
N GLY A 49 -7.68 -5.35 -9.24
CA GLY A 49 -6.55 -5.85 -10.01
C GLY A 49 -6.39 -5.14 -11.34
N ARG A 50 -6.84 -3.88 -11.44
CA ARG A 50 -6.70 -3.11 -12.67
C ARG A 50 -5.36 -2.37 -12.59
N SER A 51 -4.26 -3.08 -12.94
CA SER A 51 -2.87 -2.58 -12.84
C SER A 51 -2.58 -1.25 -13.54
N GLU A 52 -3.03 -1.10 -14.79
CA GLU A 52 -2.79 0.12 -15.56
C GLU A 52 -3.58 1.28 -15.01
N ASP A 53 -4.82 1.04 -14.57
CA ASP A 53 -5.64 2.09 -13.95
C ASP A 53 -4.98 2.52 -12.62
N PHE A 54 -4.42 1.54 -11.87
CA PHE A 54 -3.73 1.79 -10.61
C PHE A 54 -2.51 2.70 -10.83
N ARG A 55 -1.63 2.38 -11.82
CA ARG A 55 -0.47 3.23 -12.03
C ARG A 55 -0.84 4.63 -12.56
N ARG A 56 -1.93 4.76 -13.34
CA ARG A 56 -2.36 6.09 -13.79
C ARG A 56 -2.90 6.93 -12.61
N THR A 57 -3.70 6.30 -11.74
CA THR A 57 -4.25 6.96 -10.55
C THR A 57 -3.16 7.35 -9.55
N ARG A 58 -2.13 6.47 -9.38
CA ARG A 58 -1.01 6.72 -8.49
C ARG A 58 -0.26 7.96 -8.97
N ASN A 59 -0.03 8.09 -10.30
CA ASN A 59 0.69 9.23 -10.90
C ASN A 59 -0.07 10.54 -10.65
N SER A 60 -1.41 10.49 -10.76
CA SER A 60 -2.29 11.61 -10.51
C SER A 60 -2.32 11.99 -9.02
N ALA A 61 -2.51 11.01 -8.10
CA ALA A 61 -2.53 11.25 -6.66
C ALA A 61 -1.19 11.84 -6.22
N GLU A 62 -0.06 11.28 -6.68
CA GLU A 62 1.24 11.76 -6.29
C GLU A 62 1.48 13.20 -6.73
N ALA A 63 1.05 13.57 -7.93
CA ALA A 63 1.22 14.93 -8.43
C ALA A 63 0.33 15.89 -7.61
N ILE A 64 -0.92 15.47 -7.29
CA ILE A 64 -1.84 16.29 -6.52
C ILE A 64 -1.31 16.56 -5.10
N ILE A 65 -0.68 15.53 -4.50
CA ILE A 65 -0.07 15.60 -3.17
C ILE A 65 1.06 16.65 -3.14
N HIS A 66 1.82 16.80 -4.25
CA HIS A 66 2.89 17.81 -4.40
C HIS A 66 2.38 19.23 -4.28
N GLY A 67 1.15 19.46 -4.68
CA GLY A 67 0.54 20.78 -4.57
C GLY A 67 0.11 21.16 -3.18
N LEU A 68 0.19 20.23 -2.20
CA LEU A 68 -0.19 20.49 -0.81
C LEU A 68 1.07 20.69 0.07
N SER A 69 1.10 21.74 0.92
CA SER A 69 2.24 22.02 1.81
C SER A 69 1.94 21.72 3.30
N SER A 70 0.66 21.82 3.69
CA SER A 70 0.25 21.58 5.06
C SER A 70 -0.89 20.56 5.04
N LEU A 71 -0.76 19.49 5.84
CA LEU A 71 -1.76 18.44 5.84
C LEU A 71 -2.38 18.20 7.22
N THR A 72 -3.70 17.99 7.26
CA THR A 72 -4.35 17.61 8.53
C THR A 72 -3.99 16.13 8.86
N ALA A 73 -4.37 15.63 10.03
CA ALA A 73 -4.15 14.24 10.45
C ALA A 73 -4.83 13.25 9.49
N CYS A 74 -6.04 13.60 9.01
N CYS A 74 -6.03 13.59 9.01
CA CYS A 74 -6.82 12.78 8.08
CA CYS A 74 -6.79 12.75 8.08
C CYS A 74 -6.13 12.72 6.72
C CYS A 74 -6.10 12.71 6.72
N GLN A 75 -5.58 13.87 6.26
CA GLN A 75 -4.88 13.93 4.98
C GLN A 75 -3.58 13.13 5.01
N LEU A 76 -2.84 13.16 6.14
CA LEU A 76 -1.61 12.38 6.30
C LEU A 76 -1.95 10.90 6.23
N ARG A 77 -3.00 10.45 6.94
CA ARG A 77 -3.43 9.05 6.88
C ARG A 77 -3.73 8.61 5.43
N THR A 78 -4.38 9.52 4.64
CA THR A 78 -4.73 9.31 3.23
C THR A 78 -3.50 9.16 2.32
N ILE A 79 -2.48 10.02 2.48
CA ILE A 79 -1.29 9.93 1.64
C ILE A 79 -0.48 8.68 2.02
N TYR A 80 -0.41 8.31 3.31
CA TYR A 80 0.34 7.12 3.70
C TYR A 80 -0.35 5.83 3.26
N ILE A 81 -1.70 5.81 3.15
CA ILE A 81 -2.43 4.65 2.63
C ILE A 81 -2.06 4.51 1.13
N CYS A 82 -2.05 5.63 0.39
CA CYS A 82 -1.64 5.63 -1.01
C CYS A 82 -0.19 5.13 -1.20
N GLN A 83 0.76 5.61 -0.35
CA GLN A 83 2.14 5.16 -0.41
C GLN A 83 2.27 3.65 -0.11
N PHE A 84 1.60 3.14 0.93
CA PHE A 84 1.62 1.74 1.31
C PHE A 84 1.11 0.86 0.16
N LEU A 85 -0.04 1.19 -0.44
CA LEU A 85 -0.60 0.37 -1.53
C LEU A 85 0.30 0.37 -2.76
N THR A 86 1.00 1.50 -2.99
CA THR A 86 1.96 1.66 -4.09
C THR A 86 3.14 0.69 -3.89
N ARG A 87 3.64 0.57 -2.63
CA ARG A 87 4.73 -0.35 -2.33
C ARG A 87 4.28 -1.81 -2.39
N ILE A 88 3.04 -2.11 -1.93
CA ILE A 88 2.50 -3.47 -2.02
C ILE A 88 2.36 -3.88 -3.48
N ALA A 89 1.86 -2.96 -4.35
CA ALA A 89 1.67 -3.26 -5.77
C ALA A 89 3.01 -3.52 -6.49
N ALA A 90 4.09 -2.86 -6.03
CA ALA A 90 5.43 -3.06 -6.59
C ALA A 90 6.20 -4.23 -5.93
N GLY A 91 5.55 -5.01 -5.06
CA GLY A 91 6.12 -6.09 -4.27
C GLY A 91 7.01 -7.09 -4.99
N LYS A 92 6.60 -7.52 -6.19
CA LYS A 92 7.41 -8.47 -6.97
C LYS A 92 8.20 -7.80 -8.11
N THR A 93 8.16 -6.47 -8.23
CA THR A 93 8.82 -5.74 -9.30
C THR A 93 10.19 -5.19 -8.88
N LEU A 94 11.18 -5.26 -9.78
CA LEU A 94 12.55 -4.79 -9.55
C LEU A 94 12.73 -3.33 -10.01
N ASP A 95 12.97 -2.39 -9.07
CA ASP A 95 13.16 -0.98 -9.39
C ASP A 95 14.57 -0.57 -8.97
N ALA A 96 15.51 -0.52 -9.93
CA ALA A 96 16.92 -0.19 -9.71
C ALA A 96 17.17 1.06 -8.87
N GLN A 97 16.73 2.24 -9.35
CA GLN A 97 16.92 3.51 -8.63
C GLN A 97 16.33 3.50 -7.20
N PHE A 98 15.17 2.87 -6.98
CA PHE A 98 14.57 2.77 -5.65
C PHE A 98 15.48 1.94 -4.73
N GLU A 99 16.01 0.81 -5.25
CA GLU A 99 16.89 -0.06 -4.47
C GLU A 99 18.21 0.64 -4.10
N ASN A 100 18.75 1.48 -4.99
CA ASN A 100 19.98 2.21 -4.70
C ASN A 100 19.76 3.37 -3.71
N ASP A 101 18.53 3.94 -3.69
CA ASP A 101 18.22 5.08 -2.83
C ASP A 101 17.84 4.69 -1.41
N GLU A 102 16.99 3.66 -1.26
CA GLU A 102 16.56 3.21 0.07
C GLU A 102 17.35 2.02 0.61
N ARG A 103 17.99 1.23 -0.28
CA ARG A 103 18.77 0.04 0.09
C ARG A 103 17.89 -1.08 0.71
N ILE A 104 16.57 -1.06 0.42
CA ILE A 104 15.60 -2.06 0.88
C ILE A 104 14.65 -2.37 -0.32
N THR A 105 13.85 -3.43 -0.19
CA THR A 105 12.89 -3.86 -1.19
C THR A 105 11.53 -3.15 -1.00
N PRO A 106 10.67 -3.12 -2.04
CA PRO A 106 9.35 -2.47 -1.88
C PRO A 106 8.51 -2.99 -0.69
N LEU A 107 8.46 -4.32 -0.43
CA LEU A 107 7.68 -4.86 0.69
C LEU A 107 8.25 -4.42 2.05
N GLU A 108 9.58 -4.23 2.14
CA GLU A 108 10.19 -3.70 3.37
C GLU A 108 9.79 -2.24 3.60
N SER A 109 9.62 -1.47 2.52
CA SER A 109 9.19 -0.08 2.57
C SER A 109 7.69 -0.01 2.96
N ALA A 110 6.85 -0.95 2.44
CA ALA A 110 5.44 -1.07 2.82
C ALA A 110 5.34 -1.34 4.33
N LEU A 111 6.22 -2.18 4.87
CA LEU A 111 6.29 -2.52 6.29
C LEU A 111 6.60 -1.30 7.17
N MET A 112 7.53 -0.43 6.72
CA MET A 112 7.86 0.78 7.47
C MET A 112 6.67 1.73 7.50
N ILE A 113 5.94 1.84 6.40
CA ILE A 113 4.79 2.74 6.34
C ILE A 113 3.68 2.16 7.23
N TRP A 114 3.40 0.85 7.10
CA TRP A 114 2.37 0.17 7.88
C TRP A 114 2.56 0.32 9.38
N GLY A 115 3.80 0.23 9.85
CA GLY A 115 4.11 0.35 11.26
C GLY A 115 4.14 1.79 11.78
N SER A 116 4.04 2.79 10.88
CA SER A 116 4.08 4.19 11.32
C SER A 116 2.78 4.97 11.07
N ILE A 117 1.82 4.43 10.30
CA ILE A 117 0.53 5.11 10.05
C ILE A 117 -0.20 5.24 11.39
N GLU A 118 -0.87 6.38 11.62
CA GLU A 118 -1.65 6.57 12.84
C GLU A 118 -2.92 5.76 12.70
N LYS A 119 -2.88 4.50 13.16
CA LYS A 119 -4.04 3.62 13.08
C LYS A 119 -4.03 2.61 14.24
N GLU A 120 -5.19 1.99 14.50
CA GLU A 120 -5.32 1.00 15.57
C GLU A 120 -4.51 -0.25 15.22
N HIS A 121 -3.72 -0.74 16.19
CA HIS A 121 -2.95 -1.96 16.00
C HIS A 121 -3.79 -3.12 16.52
N ASP A 122 -4.80 -3.48 15.73
CA ASP A 122 -5.73 -4.55 16.04
C ASP A 122 -5.23 -5.90 15.45
N LYS A 123 -6.08 -6.94 15.48
CA LYS A 123 -5.79 -8.27 14.95
C LYS A 123 -5.44 -8.21 13.46
N LEU A 124 -6.25 -7.50 12.66
CA LEU A 124 -6.02 -7.35 11.21
C LEU A 124 -4.68 -6.68 10.94
N HIS A 125 -4.33 -5.65 11.74
CA HIS A 125 -3.05 -4.95 11.60
C HIS A 125 -1.87 -5.92 11.81
N GLU A 126 -1.94 -6.76 12.85
CA GLU A 126 -0.89 -7.73 13.15
C GLU A 126 -0.80 -8.78 12.06
N GLU A 127 -1.95 -9.25 11.55
CA GLU A 127 -1.96 -10.27 10.50
C GLU A 127 -1.29 -9.75 9.23
N ILE A 128 -1.64 -8.54 8.81
CA ILE A 128 -1.05 -7.91 7.62
C ILE A 128 0.45 -7.69 7.84
N GLN A 129 0.84 -7.20 9.02
CA GLN A 129 2.26 -6.99 9.34
C GLN A 129 3.11 -8.26 9.16
N ASN A 130 2.67 -9.38 9.76
CA ASN A 130 3.38 -10.63 9.69
C ASN A 130 3.40 -11.26 8.30
N LEU A 131 2.31 -11.11 7.53
CA LEU A 131 2.24 -11.60 6.16
C LEU A 131 3.22 -10.84 5.26
N ILE A 132 3.39 -9.51 5.50
CA ILE A 132 4.33 -8.71 4.71
C ILE A 132 5.76 -9.12 5.06
N LYS A 133 6.05 -9.33 6.35
CA LYS A 133 7.39 -9.73 6.82
C LYS A 133 7.87 -11.02 6.14
N ILE A 134 7.00 -12.04 6.06
CA ILE A 134 7.38 -13.30 5.47
C ILE A 134 7.41 -13.22 3.95
N GLN A 135 6.46 -12.50 3.33
CA GLN A 135 6.47 -12.32 1.89
C GLN A 135 7.63 -11.46 1.39
N ALA A 136 8.18 -10.56 2.22
CA ALA A 136 9.34 -9.77 1.81
C ALA A 136 10.55 -10.71 1.52
N ILE A 137 10.63 -11.84 2.23
CA ILE A 137 11.63 -12.87 2.02
C ILE A 137 11.19 -13.80 0.86
N ALA A 138 9.94 -14.30 0.89
CA ALA A 138 9.45 -15.23 -0.12
C ALA A 138 9.44 -14.69 -1.55
N VAL A 139 9.19 -13.40 -1.77
CA VAL A 139 9.19 -12.85 -3.14
C VAL A 139 10.61 -12.92 -3.74
N CYS A 140 11.66 -12.81 -2.90
CA CYS A 140 13.06 -12.91 -3.32
C CYS A 140 13.39 -14.34 -3.73
N MET A 141 12.91 -15.32 -2.96
CA MET A 141 13.07 -16.74 -3.28
C MET A 141 12.34 -17.08 -4.58
N GLU A 142 11.14 -16.51 -4.77
CA GLU A 142 10.35 -16.73 -5.98
C GLU A 142 11.11 -16.23 -7.24
N ASN A 143 11.85 -15.12 -7.09
CA ASN A 143 12.65 -14.55 -8.17
C ASN A 143 14.05 -15.20 -8.36
N GLY A 144 14.40 -16.17 -7.54
CA GLY A 144 15.68 -16.87 -7.61
C GLY A 144 16.86 -16.16 -6.97
N ASN A 145 16.61 -15.08 -6.20
CA ASN A 145 17.69 -14.36 -5.53
C ASN A 145 17.73 -14.70 -4.03
N PHE A 146 18.41 -15.80 -3.70
CA PHE A 146 18.51 -16.33 -2.35
C PHE A 146 19.47 -15.53 -1.46
N LYS A 147 20.50 -14.90 -2.05
CA LYS A 147 21.39 -14.03 -1.30
C LYS A 147 20.58 -12.79 -0.84
N GLU A 148 19.70 -12.27 -1.69
CA GLU A 148 18.86 -11.12 -1.32
C GLU A 148 17.82 -11.53 -0.29
N ALA A 149 17.26 -12.75 -0.39
CA ALA A 149 16.30 -13.29 0.59
C ALA A 149 16.94 -13.28 2.00
N GLU A 150 18.23 -13.67 2.11
CA GLU A 150 18.99 -13.67 3.36
C GLU A 150 19.27 -12.24 3.87
N GLU A 151 19.49 -11.28 2.96
CA GLU A 151 19.73 -9.89 3.35
C GLU A 151 18.43 -9.27 3.87
N VAL A 152 17.27 -9.63 3.27
CA VAL A 152 15.98 -9.13 3.70
C VAL A 152 15.70 -9.69 5.11
N PHE A 153 15.93 -10.99 5.31
CA PHE A 153 15.75 -11.66 6.60
C PHE A 153 16.56 -10.98 7.70
N GLU A 154 17.82 -10.63 7.43
CA GLU A 154 18.67 -9.99 8.41
C GLU A 154 18.17 -8.60 8.79
N ARG A 155 17.66 -7.82 7.82
CA ARG A 155 17.14 -6.49 8.12
C ARG A 155 15.83 -6.53 8.93
N ILE A 156 14.97 -7.55 8.70
CA ILE A 156 13.69 -7.67 9.42
C ILE A 156 13.80 -8.42 10.76
N PHE A 157 14.59 -9.49 10.79
CA PHE A 157 14.73 -10.34 11.97
C PHE A 157 16.17 -10.36 12.51
N GLY A 158 16.90 -9.27 12.35
N PRO A 165 14.52 -19.24 17.52
CA PRO A 165 13.89 -20.56 17.28
C PRO A 165 13.04 -20.49 16.02
N PHE A 166 12.11 -19.51 15.95
CA PHE A 166 11.32 -19.32 14.72
C PHE A 166 12.29 -18.77 13.64
N LYS A 167 13.16 -17.81 14.02
CA LYS A 167 14.14 -17.21 13.15
C LYS A 167 15.11 -18.26 12.58
N SER A 168 15.55 -19.22 13.41
N SER A 168 15.55 -19.22 13.41
CA SER A 168 16.48 -20.27 12.97
CA SER A 168 16.47 -20.27 12.98
C SER A 168 15.84 -21.22 11.97
C SER A 168 15.84 -21.23 11.98
N LYS A 169 14.52 -21.44 12.08
CA LYS A 169 13.76 -22.29 11.16
C LYS A 169 13.61 -21.55 9.82
N LEU A 170 13.31 -20.25 9.88
CA LEU A 170 13.17 -19.43 8.69
C LEU A 170 14.50 -19.29 7.94
N LEU A 171 15.60 -19.19 8.67
CA LEU A 171 16.92 -19.08 8.08
C LEU A 171 17.31 -20.39 7.37
N MET A 172 16.94 -21.55 7.95
N MET A 172 16.93 -21.54 7.95
CA MET A 172 17.23 -22.86 7.35
CA MET A 172 17.20 -22.87 7.37
C MET A 172 16.42 -23.04 6.06
C MET A 172 16.43 -23.02 6.07
N ILE A 173 15.16 -22.57 6.05
CA ILE A 173 14.29 -22.60 4.86
C ILE A 173 14.95 -21.83 3.69
N ILE A 174 15.43 -20.59 3.93
CA ILE A 174 16.05 -19.77 2.89
C ILE A 174 17.31 -20.46 2.38
N SER A 175 18.15 -20.93 3.31
CA SER A 175 19.41 -21.60 3.06
C SER A 175 19.23 -22.88 2.22
N GLN A 176 18.15 -23.63 2.46
CA GLN A 176 17.88 -24.86 1.72
C GLN A 176 17.04 -24.61 0.45
N LYS A 177 16.72 -23.34 0.13
CA LYS A 177 15.89 -22.95 -1.02
C LYS A 177 14.55 -23.72 -0.99
N ASP A 178 14.01 -23.86 0.21
CA ASP A 178 12.77 -24.56 0.45
C ASP A 178 11.60 -23.60 0.28
N THR A 179 11.45 -23.07 -0.93
CA THR A 179 10.43 -22.08 -1.29
C THR A 179 9.01 -22.56 -1.07
N PHE A 180 8.78 -23.88 -1.17
CA PHE A 180 7.43 -24.41 -1.06
C PHE A 180 7.18 -25.16 0.26
N HIS A 181 7.97 -24.82 1.30
CA HIS A 181 7.84 -25.31 2.67
C HIS A 181 6.43 -24.98 3.16
N SER A 182 5.80 -25.89 3.95
CA SER A 182 4.44 -25.67 4.46
C SER A 182 4.25 -24.31 5.19
N PHE A 183 5.29 -23.71 5.77
CA PHE A 183 5.22 -22.41 6.44
C PHE A 183 4.66 -21.33 5.51
N PHE A 184 5.06 -21.37 4.23
CA PHE A 184 4.60 -20.43 3.22
C PHE A 184 3.17 -20.70 2.69
N GLN A 185 2.55 -21.81 3.09
N GLN A 185 2.55 -21.81 3.09
CA GLN A 185 1.17 -22.14 2.72
CA GLN A 185 1.17 -22.13 2.72
C GLN A 185 0.24 -21.26 3.55
C GLN A 185 0.24 -21.25 3.55
N HIS A 186 0.51 -21.13 4.85
CA HIS A 186 -0.28 -20.25 5.71
C HIS A 186 0.16 -18.80 5.42
N PHE A 187 1.48 -18.55 5.30
CA PHE A 187 2.00 -17.19 5.06
C PHE A 187 2.28 -16.94 3.57
N SER A 188 1.24 -17.06 2.74
CA SER A 188 1.34 -16.93 1.30
C SER A 188 1.10 -15.51 0.78
N TYR A 189 1.43 -15.30 -0.49
CA TYR A 189 1.26 -14.05 -1.18
C TYR A 189 -0.23 -13.77 -1.35
N ASN A 190 -1.01 -14.82 -1.72
CA ASN A 190 -2.45 -14.69 -1.88
C ASN A 190 -3.10 -14.32 -0.55
N HIS A 191 -2.67 -14.92 0.58
CA HIS A 191 -3.23 -14.56 1.89
C HIS A 191 -2.87 -13.13 2.27
N MET A 192 -1.67 -12.67 1.92
CA MET A 192 -1.26 -11.29 2.17
C MET A 192 -2.15 -10.34 1.36
N MET A 193 -2.39 -10.65 0.09
CA MET A 193 -3.22 -9.81 -0.76
C MET A 193 -4.68 -9.77 -0.28
N GLU A 194 -5.24 -10.92 0.12
CA GLU A 194 -6.60 -11.02 0.64
C GLU A 194 -6.79 -10.20 1.92
N LYS A 195 -5.88 -10.31 2.90
CA LYS A 195 -5.97 -9.55 4.15
C LYS A 195 -5.85 -8.04 3.90
N ILE A 196 -4.94 -7.62 3.01
CA ILE A 196 -4.79 -6.22 2.64
C ILE A 196 -6.05 -5.71 1.94
N LYS A 197 -6.63 -6.50 1.02
CA LYS A 197 -7.88 -6.15 0.33
C LYS A 197 -9.04 -5.98 1.31
N SER A 198 -9.10 -6.78 2.40
N SER A 198 -9.10 -6.77 2.39
CA SER A 198 -10.13 -6.61 3.41
CA SER A 198 -10.14 -6.61 3.41
C SER A 198 -9.94 -5.25 4.13
C SER A 198 -9.95 -5.26 4.15
N TYR A 199 -8.69 -4.83 4.35
CA TYR A 199 -8.42 -3.54 4.98
C TYR A 199 -8.85 -2.43 3.98
N VAL A 200 -8.51 -2.58 2.69
CA VAL A 200 -8.89 -1.63 1.64
C VAL A 200 -10.41 -1.40 1.60
N ASN A 201 -11.21 -2.45 1.87
CA ASN A 201 -12.67 -2.35 1.90
C ASN A 201 -13.17 -1.42 3.00
N TYR A 202 -12.45 -1.34 4.13
CA TYR A 202 -12.83 -0.43 5.22
C TYR A 202 -12.53 1.02 4.83
N VAL A 203 -11.38 1.25 4.17
CA VAL A 203 -10.98 2.57 3.68
C VAL A 203 -12.00 3.04 2.64
N LEU A 204 -12.35 2.15 1.72
CA LEU A 204 -13.31 2.37 0.65
C LEU A 204 -14.68 2.82 1.20
N SER A 205 -15.16 2.17 2.28
N SER A 205 -15.16 2.17 2.28
CA SER A 205 -16.45 2.53 2.87
CA SER A 205 -16.45 2.54 2.86
C SER A 205 -16.39 3.87 3.61
C SER A 205 -16.38 3.88 3.59
N GLU A 206 -15.26 4.15 4.27
CA GLU A 206 -15.06 5.39 5.01
C GLU A 206 -15.05 6.63 4.07
N LYS A 207 -14.55 6.45 2.85
CA LYS A 207 -14.45 7.56 1.88
C LYS A 207 -15.50 7.53 0.77
N SER A 208 -16.37 6.51 0.74
CA SER A 208 -17.42 6.37 -0.29
C SER A 208 -18.33 7.60 -0.43
N SER A 209 -18.45 8.38 0.65
CA SER A 209 -19.29 9.57 0.74
C SER A 209 -18.55 10.91 0.60
N THR A 210 -17.26 10.90 0.25
CA THR A 210 -16.50 12.15 0.11
C THR A 210 -17.08 12.98 -1.06
N PHE A 211 -17.07 14.32 -0.91
CA PHE A 211 -17.65 15.30 -1.82
C PHE A 211 -17.55 15.02 -3.34
N LEU A 212 -16.35 14.81 -3.88
CA LEU A 212 -16.16 14.66 -5.33
C LEU A 212 -16.82 13.41 -5.92
N MET A 213 -16.64 12.23 -5.30
CA MET A 213 -17.26 11.00 -5.80
C MET A 213 -18.79 11.08 -5.65
N LYS A 214 -19.26 11.63 -4.53
CA LYS A 214 -20.68 11.79 -4.26
C LYS A 214 -21.35 12.68 -5.32
N ALA A 215 -20.76 13.84 -5.63
CA ALA A 215 -21.32 14.73 -6.66
C ALA A 215 -21.27 14.09 -8.04
N ALA A 216 -20.17 13.37 -8.37
CA ALA A 216 -20.00 12.70 -9.67
C ALA A 216 -21.02 11.59 -9.88
N ALA A 217 -21.32 10.82 -8.82
CA ALA A 217 -22.32 9.76 -8.93
C ALA A 217 -23.72 10.34 -9.12
N LYS A 218 -23.99 11.53 -8.54
CA LYS A 218 -25.28 12.23 -8.68
C LYS A 218 -25.54 12.57 -10.14
N VAL A 219 -24.50 13.02 -10.86
CA VAL A 219 -24.57 13.36 -12.28
C VAL A 219 -24.83 12.12 -13.13
N VAL A 220 -24.19 11.00 -12.78
CA VAL A 220 -24.34 9.72 -13.47
C VAL A 220 -25.75 9.13 -13.28
N GLU A 221 -26.28 9.09 -12.04
CA GLU A 221 -27.64 8.55 -11.82
C GLU A 221 -28.72 9.43 -12.47
N SER A 222 -28.48 10.74 -12.60
N SER A 222 -28.48 10.74 -12.59
CA SER A 222 -29.44 11.64 -13.23
CA SER A 222 -29.42 11.65 -13.22
C SER A 222 -29.46 11.45 -14.76
C SER A 222 -29.45 11.46 -14.75
N LYS A 223 -28.30 11.10 -15.35
CA LYS A 223 -28.18 10.88 -16.80
C LYS A 223 -28.80 9.56 -17.29
N ARG A 224 -29.25 8.69 -16.38
CA ARG A 224 -29.88 7.42 -16.77
C1 GOL B . -2.63 -3.24 -9.00
O1 GOL B . -1.33 -2.96 -9.49
C2 GOL B . -2.68 -4.59 -8.30
O2 GOL B . -1.66 -4.66 -7.30
C3 GOL B . -4.02 -4.87 -7.69
O3 GOL B . -3.94 -5.85 -6.66
N1 A1IUE C . 3.41 6.63 -3.76
C4 A1IUE C . 4.17 7.66 -3.32
C5 A1IUE C . 2.15 6.93 -4.05
C6 A1IUE C . 1.62 8.17 -3.88
C7 A1IUE C . 2.46 9.16 -3.42
CL A1IUE C . 0.01 8.53 -4.43
N2 A1IUE C . 3.74 8.93 -3.13
N A1IUE C . 5.47 7.38 -2.97
C A1IUE C . 5.95 6.00 -2.93
C1 A1IUE C . 6.45 8.44 -2.66
C2 A1IUE C . 6.85 8.43 -1.20
C3 A1IUE C . 7.69 8.41 -3.55
O A1IUE C . 7.39 8.16 -4.93
S DMS D . 11.91 -8.43 -5.44
O DMS D . 12.45 -7.37 -4.52
C1 DMS D . 12.03 -7.76 -7.11
C2 DMS D . 13.23 -9.67 -5.64
#